data_6VU2
#
_entry.id   6VU2
#
_cell.length_a   50.692
_cell.length_b   66.888
_cell.length_c   70.176
_cell.angle_alpha   90.000
_cell.angle_beta   108.705
_cell.angle_gamma   90.000
#
_symmetry.space_group_name_H-M   'P 1 21 1'
#
loop_
_entity.id
_entity.type
_entity.pdbx_description
1 polymer 'M1214 N1 Fab heavy chain'
2 polymer 'M1214 N1 Fab light chain'
3 water water
#
loop_
_entity_poly.entity_id
_entity_poly.type
_entity_poly.pdbx_seq_one_letter_code
_entity_poly.pdbx_strand_id
1 'polypeptide(L)'
;DRLFQSGGGVSRPGGSLRVNCGASGFTVRTHYMYWLRQSPGKGLEWVAFMNSGGSVSYVDSVRGRFSVSRDNPANAMVLQ
MDALKIEDTGTYYCARELREAWYGDLRDYSGLDVWGRGTIVSISSASTKGPSVFPLAPSSGGTAALGCLVKDYFPEPVTV
SWNSGALTSGVHTFPAVLQSSGLYSLSSVVTVPSSSLGTQTYICNVNHKPSNTKVDKRVEPK
;
H
2 'polypeptide(L)'
;SALAQPPSVSGSPGQSVTITCTGINDYGAAYKFVSWYQQHPGKEPRLIMKNVKDRWSVTPNRFSGSTSGNTASLTISNLQ
SDDEAQYFCAVYAGGFTFPRLGGGTKLSVLSQPKAAPSVTLFPPSSEELQANKATLVCLISDFYPGAVTVAWKADSSPVK
AGVETTTPSKQSNNKYAASSYLSLTPEQWKSHRSYSCQVTHEGSTVEKTVAPT
;
L
#
# COMPACT_ATOMS: atom_id res chain seq x y z
N ASP A 1 28.82 0.21 -7.30
CA ASP A 1 28.30 -0.55 -6.17
C ASP A 1 26.86 -0.97 -6.46
N ARG A 2 26.60 -2.27 -6.33
CA ARG A 2 25.34 -2.91 -6.73
C ARG A 2 24.97 -3.91 -5.64
N LEU A 3 23.66 -4.00 -5.35
CA LEU A 3 23.09 -5.13 -4.64
C LEU A 3 22.12 -5.87 -5.56
N PHE A 4 22.08 -7.20 -5.44
CA PHE A 4 21.20 -8.05 -6.23
C PHE A 4 20.57 -9.08 -5.30
N GLN A 5 19.32 -9.44 -5.59
CA GLN A 5 18.56 -10.31 -4.70
C GLN A 5 18.00 -11.50 -5.47
N SER A 6 17.67 -12.55 -4.72
CA SER A 6 16.99 -13.71 -5.24
C SER A 6 16.30 -14.38 -4.07
N GLY A 7 15.43 -15.33 -4.39
CA GLY A 7 14.74 -16.11 -3.38
C GLY A 7 13.30 -15.68 -3.16
N GLY A 8 12.87 -15.64 -1.89
CA GLY A 8 11.51 -15.24 -1.63
C GLY A 8 10.56 -16.33 -2.11
N GLY A 9 9.36 -15.90 -2.49
CA GLY A 9 8.38 -16.79 -3.08
C GLY A 9 7.14 -16.89 -2.22
N VAL A 10 6.51 -18.06 -2.25
CA VAL A 10 5.19 -18.26 -1.67
C VAL A 10 5.29 -19.32 -0.58
N SER A 11 4.57 -19.11 0.52
CA SER A 11 4.60 -20.08 1.59
C SER A 11 3.32 -19.97 2.41
N ARG A 12 2.86 -21.11 2.92
CA ARG A 12 1.73 -21.11 3.82
C ARG A 12 2.15 -20.47 5.13
N PRO A 13 1.20 -20.02 5.93
CA PRO A 13 1.52 -19.60 7.29
C PRO A 13 2.30 -20.69 8.00
N GLY A 14 3.30 -20.29 8.78
CA GLY A 14 4.13 -21.22 9.51
C GLY A 14 5.30 -21.80 8.74
N GLY A 15 5.32 -21.65 7.41
CA GLY A 15 6.41 -22.16 6.61
C GLY A 15 7.65 -21.26 6.64
N SER A 16 8.60 -21.59 5.76
CA SER A 16 9.89 -20.92 5.71
C SER A 16 10.25 -20.51 4.31
N LEU A 17 10.93 -19.37 4.21
CA LEU A 17 11.49 -18.86 2.96
C LEU A 17 12.83 -18.20 3.26
N ARG A 18 13.56 -17.88 2.21
CA ARG A 18 14.89 -17.29 2.34
C ARG A 18 15.05 -16.26 1.24
N VAL A 19 15.63 -15.10 1.57
CA VAL A 19 15.94 -14.06 0.58
C VAL A 19 17.44 -13.79 0.63
N ASN A 20 18.07 -13.79 -0.55
CA ASN A 20 19.50 -13.56 -0.64
C ASN A 20 19.77 -12.14 -1.11
N CYS A 21 20.94 -11.62 -0.70
CA CYS A 21 21.34 -10.26 -1.02
C CYS A 21 22.85 -10.26 -1.25
N GLY A 22 23.28 -10.14 -2.50
CA GLY A 22 24.70 -10.08 -2.80
C GLY A 22 25.17 -8.73 -3.27
N ALA A 23 26.46 -8.44 -3.11
CA ALA A 23 27.02 -7.16 -3.52
C ALA A 23 28.05 -7.35 -4.64
N SER A 24 28.21 -6.30 -5.45
CA SER A 24 29.36 -6.12 -6.32
C SER A 24 29.91 -4.72 -6.10
N GLY A 25 31.24 -4.61 -6.08
CA GLY A 25 31.92 -3.35 -5.90
C GLY A 25 32.34 -3.09 -4.48
N PHE A 26 31.87 -3.89 -3.54
CA PHE A 26 32.17 -3.74 -2.13
C PHE A 26 31.78 -5.04 -1.44
N THR A 27 32.30 -5.24 -0.23
CA THR A 27 31.98 -6.44 0.54
C THR A 27 30.93 -6.15 1.61
N VAL A 28 29.86 -6.95 1.61
CA VAL A 28 28.84 -6.89 2.65
C VAL A 28 29.47 -6.87 4.04
N ARG A 29 30.49 -7.71 4.24
CA ARG A 29 31.00 -7.98 5.58
C ARG A 29 31.78 -6.81 6.18
N THR A 30 31.96 -5.71 5.44
CA THR A 30 32.62 -4.53 5.97
C THR A 30 31.73 -3.29 5.92
N HIS A 31 30.42 -3.45 5.71
CA HIS A 31 29.51 -2.32 5.55
C HIS A 31 28.26 -2.47 6.42
N TYR A 32 27.58 -1.34 6.62
CA TYR A 32 26.32 -1.29 7.36
C TYR A 32 25.20 -1.66 6.42
N MET A 33 24.42 -2.68 6.79
CA MET A 33 23.44 -3.28 5.90
C MET A 33 22.07 -3.27 6.57
N TYR A 34 21.04 -3.27 5.75
CA TYR A 34 19.66 -3.23 6.23
C TYR A 34 18.77 -4.13 5.40
N TRP A 35 17.77 -4.69 6.07
CA TRP A 35 16.65 -5.33 5.41
C TRP A 35 15.41 -4.49 5.68
N LEU A 36 14.61 -4.29 4.64
CA LEU A 36 13.33 -3.61 4.76
C LEU A 36 12.27 -4.44 4.05
N ARG A 37 11.02 -4.08 4.31
CA ARG A 37 9.91 -4.67 3.57
C ARG A 37 8.82 -3.64 3.41
N GLN A 38 7.96 -3.89 2.43
CA GLN A 38 6.87 -2.99 2.07
C GLN A 38 5.65 -3.84 1.73
N SER A 39 4.61 -3.72 2.54
CA SER A 39 3.34 -4.34 2.22
C SER A 39 2.73 -3.59 1.03
N PRO A 40 2.00 -4.30 0.14
CA PRO A 40 1.58 -3.68 -1.13
C PRO A 40 0.79 -2.39 -0.90
N GLY A 41 1.09 -1.38 -1.72
CA GLY A 41 0.46 -0.09 -1.58
C GLY A 41 0.73 0.65 -0.27
N LYS A 42 1.73 0.22 0.50
CA LYS A 42 2.04 0.83 1.79
C LYS A 42 3.50 1.30 1.82
N GLY A 43 3.97 1.69 3.00
CA GLY A 43 5.28 2.30 3.14
C GLY A 43 6.37 1.33 3.55
N LEU A 44 7.60 1.84 3.53
CA LEU A 44 8.75 1.07 3.95
C LEU A 44 8.77 0.89 5.46
N GLU A 45 9.07 -0.33 5.90
CA GLU A 45 9.28 -0.58 7.33
C GLU A 45 10.55 -1.41 7.49
N TRP A 46 11.19 -1.25 8.65
CA TRP A 46 12.44 -1.94 8.91
C TRP A 46 12.19 -3.40 9.21
N VAL A 47 13.19 -4.24 8.90
CA VAL A 47 13.20 -5.66 9.29
C VAL A 47 14.40 -5.98 10.17
N ALA A 48 15.60 -5.61 9.72
CA ALA A 48 16.84 -5.98 10.40
C ALA A 48 17.95 -5.03 9.98
N PHE A 49 18.96 -4.93 10.85
CA PHE A 49 20.14 -4.10 10.65
C PHE A 49 21.37 -4.93 10.97
N MET A 50 22.37 -4.88 10.09
CA MET A 50 23.65 -5.53 10.36
C MET A 50 24.76 -4.49 10.27
N ASN A 51 25.46 -4.24 11.39
CA ASN A 51 26.52 -3.24 11.30
C ASN A 51 27.77 -3.85 10.69
N SER A 52 28.77 -2.99 10.47
CA SER A 52 29.99 -3.42 9.80
C SER A 52 30.71 -4.51 10.58
N GLY A 53 30.54 -4.52 11.90
CA GLY A 53 31.12 -5.58 12.71
C GLY A 53 30.33 -6.87 12.74
N GLY A 54 29.14 -6.88 12.14
CA GLY A 54 28.36 -8.09 12.01
C GLY A 54 27.33 -8.37 13.08
N SER A 55 27.09 -7.44 14.01
CA SER A 55 25.99 -7.64 14.93
C SER A 55 24.69 -7.27 14.25
N VAL A 56 23.67 -8.07 14.49
CA VAL A 56 22.37 -7.92 13.84
C VAL A 56 21.32 -7.51 14.88
N SER A 57 20.57 -6.47 14.58
CA SER A 57 19.41 -6.04 15.33
C SER A 57 18.14 -6.28 14.51
N TYR A 58 17.09 -6.75 15.19
CA TYR A 58 15.82 -7.07 14.56
C TYR A 58 14.71 -6.20 15.13
N VAL A 59 13.74 -5.86 14.27
CA VAL A 59 12.52 -5.25 14.79
C VAL A 59 11.81 -6.29 15.66
N ASP A 60 11.03 -5.79 16.63
CA ASP A 60 10.43 -6.68 17.62
C ASP A 60 9.54 -7.75 16.98
N SER A 61 8.79 -7.39 15.94
CA SER A 61 7.80 -8.33 15.43
C SER A 61 8.40 -9.50 14.65
N VAL A 62 9.70 -9.47 14.37
CA VAL A 62 10.34 -10.58 13.66
C VAL A 62 11.39 -11.28 14.50
N ARG A 63 11.82 -10.69 15.62
CA ARG A 63 12.86 -11.33 16.42
C ARG A 63 12.37 -12.71 16.86
N GLY A 64 13.26 -13.68 16.79
CA GLY A 64 12.91 -15.06 17.09
C GLY A 64 12.31 -15.82 15.93
N ARG A 65 11.94 -15.15 14.85
CA ARG A 65 11.42 -15.79 13.64
C ARG A 65 12.35 -15.63 12.46
N PHE A 66 12.89 -14.43 12.29
CA PHE A 66 13.82 -14.10 11.21
C PHE A 66 15.23 -14.06 11.77
N SER A 67 16.17 -14.47 10.94
CA SER A 67 17.59 -14.37 11.27
C SER A 67 18.34 -13.98 10.02
N VAL A 68 19.36 -13.13 10.18
CA VAL A 68 20.22 -12.68 9.11
C VAL A 68 21.61 -13.26 9.32
N SER A 69 22.17 -13.86 8.28
CA SER A 69 23.53 -14.38 8.40
C SER A 69 24.37 -13.92 7.23
N ARG A 70 25.68 -13.80 7.47
CA ARG A 70 26.63 -13.55 6.40
C ARG A 70 26.91 -14.84 5.63
N ASP A 71 27.02 -14.70 4.31
CA ASP A 71 27.53 -15.74 3.42
C ASP A 71 28.75 -15.14 2.75
N ASN A 72 29.89 -15.18 3.44
CA ASN A 72 31.07 -14.49 2.93
C ASN A 72 31.59 -15.06 1.61
N PRO A 73 31.63 -16.37 1.37
CA PRO A 73 32.07 -16.84 0.04
C PRO A 73 31.25 -16.27 -1.11
N ALA A 74 29.95 -16.03 -0.92
CA ALA A 74 29.12 -15.40 -1.94
C ALA A 74 29.09 -13.88 -1.83
N ASN A 75 29.84 -13.30 -0.91
CA ASN A 75 29.81 -11.87 -0.66
C ASN A 75 28.36 -11.39 -0.56
N ALA A 76 27.64 -11.99 0.39
CA ALA A 76 26.20 -11.86 0.51
C ALA A 76 25.78 -11.84 1.97
N MET A 77 24.52 -11.50 2.19
CA MET A 77 23.84 -11.81 3.44
C MET A 77 22.51 -12.44 3.08
N VAL A 78 21.97 -13.21 4.01
CA VAL A 78 20.77 -14.01 3.79
C VAL A 78 19.77 -13.67 4.86
N LEU A 79 18.53 -13.47 4.47
CA LEU A 79 17.42 -13.34 5.40
C LEU A 79 16.69 -14.68 5.43
N GLN A 80 16.85 -15.44 6.52
CA GLN A 80 16.12 -16.67 6.75
C GLN A 80 14.83 -16.34 7.48
N MET A 81 13.69 -16.70 6.90
CA MET A 81 12.38 -16.38 7.44
C MET A 81 11.68 -17.68 7.81
N ASP A 82 11.51 -17.90 9.11
CA ASP A 82 10.77 -19.06 9.60
C ASP A 82 9.49 -18.60 10.29
N ALA A 83 8.57 -19.55 10.48
CA ALA A 83 7.32 -19.30 11.18
C ALA A 83 6.59 -18.12 10.56
N LEU A 84 6.49 -18.14 9.23
CA LEU A 84 5.95 -17.01 8.50
C LEU A 84 4.50 -16.76 8.90
N LYS A 85 4.11 -15.49 8.93
CA LYS A 85 2.73 -15.07 9.20
C LYS A 85 2.20 -14.28 8.01
N ILE A 86 0.89 -14.09 8.02
CA ILE A 86 0.22 -13.29 6.99
C ILE A 86 0.82 -11.89 6.91
N GLU A 87 1.17 -11.30 8.06
CA GLU A 87 1.70 -9.95 8.15
C GLU A 87 3.07 -9.80 7.49
N ASP A 88 3.74 -10.92 7.16
CA ASP A 88 5.07 -10.89 6.58
C ASP A 88 5.04 -10.76 5.06
N THR A 89 3.85 -10.76 4.45
CA THR A 89 3.74 -10.60 3.00
C THR A 89 4.23 -9.22 2.58
N GLY A 90 5.04 -9.18 1.54
CA GLY A 90 5.52 -7.92 1.03
C GLY A 90 6.72 -8.12 0.12
N THR A 91 7.19 -7.00 -0.40
CA THR A 91 8.44 -6.95 -1.13
C THR A 91 9.56 -6.62 -0.14
N TYR A 92 10.63 -7.39 -0.18
CA TYR A 92 11.74 -7.26 0.76
C TYR A 92 12.95 -6.66 0.05
N TYR A 93 13.57 -5.66 0.67
CA TYR A 93 14.72 -4.98 0.11
C TYR A 93 15.90 -5.12 1.04
N CYS A 94 17.09 -5.30 0.47
CA CYS A 94 18.32 -5.05 1.21
C CYS A 94 18.93 -3.76 0.69
N ALA A 95 19.75 -3.15 1.55
CA ALA A 95 20.29 -1.84 1.26
C ALA A 95 21.62 -1.69 1.99
N ARG A 96 22.49 -0.87 1.43
CA ARG A 96 23.74 -0.49 2.07
C ARG A 96 23.64 0.97 2.49
N GLU A 97 24.05 1.25 3.72
CA GLU A 97 24.06 2.59 4.25
C GLU A 97 25.50 3.10 4.38
N LEU A 98 25.75 4.32 3.88
CA LEU A 98 27.05 4.97 3.98
C LEU A 98 27.10 5.92 5.17
N ARG A 99 28.10 5.74 6.03
CA ARG A 99 28.28 6.64 7.16
C ARG A 99 29.77 6.76 7.47
N GLU A 100 30.13 7.84 8.17
CA GLU A 100 31.50 8.07 8.64
C GLU A 100 31.45 8.21 10.16
N ALA A 101 31.99 7.22 10.87
CA ALA A 101 31.96 7.20 12.33
C ALA A 101 33.30 6.72 12.86
N TRP A 102 33.92 7.53 13.72
CA TRP A 102 35.10 7.11 14.47
C TRP A 102 34.66 6.65 15.86
N TYR A 103 35.02 5.42 16.21
CA TYR A 103 34.53 4.77 17.43
C TYR A 103 33.00 4.78 17.32
N GLY A 104 32.27 5.20 18.35
CA GLY A 104 30.83 5.35 18.26
C GLY A 104 30.43 6.80 18.12
N ASP A 105 31.28 7.58 17.47
CA ASP A 105 31.07 9.01 17.26
C ASP A 105 30.85 9.27 15.78
N LEU A 106 29.58 9.35 15.38
CA LEU A 106 29.22 9.61 14.00
C LEU A 106 29.68 11.01 13.58
N ARG A 107 30.48 11.08 12.52
CA ARG A 107 30.93 12.35 11.95
C ARG A 107 30.11 12.79 10.76
N ASP A 108 29.70 11.86 9.90
CA ASP A 108 28.87 12.15 8.73
C ASP A 108 27.97 10.95 8.43
N TYR A 109 26.89 11.22 7.70
CA TYR A 109 25.90 10.19 7.38
C TYR A 109 25.32 10.48 6.01
N SER A 110 25.44 9.55 5.08
CA SER A 110 24.80 9.78 3.79
C SER A 110 23.39 9.18 3.73
N GLY A 111 23.23 7.93 4.13
CA GLY A 111 21.97 7.24 3.98
C GLY A 111 22.12 5.97 3.15
N LEU A 112 20.99 5.42 2.76
CA LEU A 112 20.95 4.12 2.08
C LEU A 112 21.11 4.41 0.59
N ASP A 113 22.36 4.38 0.12
CA ASP A 113 22.67 4.79 -1.25
C ASP A 113 22.58 3.66 -2.26
N VAL A 114 22.64 2.41 -1.82
CA VAL A 114 22.58 1.24 -2.69
C VAL A 114 21.43 0.34 -2.24
N TRP A 115 20.53 -0.01 -3.17
CA TRP A 115 19.36 -0.82 -2.89
C TRP A 115 19.27 -1.97 -3.88
N GLY A 116 18.94 -3.15 -3.38
CA GLY A 116 18.48 -4.20 -4.26
C GLY A 116 17.12 -3.87 -4.84
N ARG A 117 16.77 -4.62 -5.88
CA ARG A 117 15.52 -4.38 -6.60
C ARG A 117 14.30 -4.96 -5.90
N GLY A 118 14.51 -5.81 -4.91
CA GLY A 118 13.33 -6.24 -4.19
C GLY A 118 12.97 -7.67 -4.53
N THR A 119 12.44 -8.38 -3.55
CA THR A 119 12.05 -9.77 -3.70
C THR A 119 10.65 -9.93 -3.14
N ILE A 120 9.77 -10.54 -3.91
CA ILE A 120 8.38 -10.71 -3.51
C ILE A 120 8.24 -11.90 -2.57
N VAL A 121 7.54 -11.69 -1.45
CA VAL A 121 7.24 -12.73 -0.49
C VAL A 121 5.73 -12.74 -0.27
N SER A 122 5.11 -13.91 -0.45
CA SER A 122 3.66 -14.03 -0.32
C SER A 122 3.35 -15.14 0.66
N ILE A 123 2.73 -14.79 1.76
CA ILE A 123 2.29 -15.75 2.75
C ILE A 123 0.80 -15.92 2.54
N SER A 124 0.39 -17.08 2.04
CA SER A 124 -1.04 -17.24 1.81
C SER A 124 -1.45 -18.70 1.95
N SER A 125 -2.64 -18.89 2.54
CA SER A 125 -3.39 -20.12 2.45
C SER A 125 -4.45 -19.90 1.38
N ALA A 126 -4.04 -20.06 0.12
CA ALA A 126 -4.96 -19.89 -0.99
C ALA A 126 -4.63 -20.93 -2.06
N SER A 127 -5.66 -21.51 -2.62
CA SER A 127 -5.56 -22.33 -3.82
C SER A 127 -6.74 -22.00 -4.71
N THR A 128 -6.83 -22.67 -5.85
CA THR A 128 -7.92 -22.41 -6.77
C THR A 128 -9.25 -22.50 -6.04
N LYS A 129 -10.05 -21.44 -6.13
CA LYS A 129 -11.30 -21.37 -5.41
C LYS A 129 -12.27 -20.49 -6.19
N GLY A 130 -13.49 -20.99 -6.39
CA GLY A 130 -14.54 -20.20 -7.00
C GLY A 130 -15.06 -19.13 -6.06
N PRO A 131 -15.62 -18.06 -6.61
CA PRO A 131 -16.10 -16.96 -5.77
C PRO A 131 -17.48 -17.25 -5.20
N SER A 132 -17.74 -16.64 -4.05
CA SER A 132 -19.12 -16.43 -3.59
C SER A 132 -19.61 -15.10 -4.13
N VAL A 133 -20.82 -15.09 -4.70
CA VAL A 133 -21.39 -13.89 -5.30
C VAL A 133 -22.53 -13.41 -4.43
N PHE A 134 -22.44 -12.15 -3.98
CA PHE A 134 -23.52 -11.64 -3.16
C PHE A 134 -24.17 -10.42 -3.83
N PRO A 135 -25.49 -10.28 -3.71
CA PRO A 135 -26.15 -9.11 -4.29
C PRO A 135 -25.91 -7.88 -3.43
N LEU A 136 -25.64 -6.77 -4.10
CA LEU A 136 -25.57 -5.46 -3.46
C LEU A 136 -26.85 -4.73 -3.82
N ALA A 137 -27.81 -4.74 -2.92
CA ALA A 137 -29.14 -4.26 -3.25
C ALA A 137 -29.13 -2.76 -3.54
N PRO A 138 -29.95 -2.29 -4.49
CA PRO A 138 -29.98 -0.88 -4.94
C PRO A 138 -30.32 0.11 -3.82
N GLY A 142 -35.19 8.77 -9.50
CA GLY A 142 -33.93 9.05 -10.18
C GLY A 142 -33.22 7.79 -10.65
N THR A 143 -31.92 7.69 -10.39
CA THR A 143 -31.17 6.48 -10.65
C THR A 143 -30.86 5.78 -9.34
N ALA A 144 -30.62 4.46 -9.44
CA ALA A 144 -30.16 3.67 -8.31
C ALA A 144 -28.92 2.88 -8.70
N ALA A 145 -28.08 2.58 -7.72
CA ALA A 145 -26.90 1.76 -7.92
C ALA A 145 -27.13 0.41 -7.27
N LEU A 146 -27.05 -0.65 -8.06
CA LEU A 146 -27.05 -2.00 -7.53
C LEU A 146 -25.79 -2.71 -8.05
N GLY A 147 -25.45 -3.82 -7.39
CA GLY A 147 -24.23 -4.46 -7.80
C GLY A 147 -24.11 -5.90 -7.38
N CYS A 148 -22.92 -6.44 -7.62
CA CYS A 148 -22.54 -7.80 -7.25
C CYS A 148 -21.19 -7.76 -6.57
N LEU A 149 -21.12 -8.33 -5.38
CA LEU A 149 -19.87 -8.56 -4.68
C LEU A 149 -19.39 -9.96 -5.03
N VAL A 150 -18.17 -10.04 -5.56
CA VAL A 150 -17.57 -11.29 -6.03
C VAL A 150 -16.40 -11.57 -5.09
N LYS A 151 -16.63 -12.41 -4.09
CA LYS A 151 -15.73 -12.50 -2.94
C LYS A 151 -14.95 -13.81 -2.92
N ASP A 152 -13.67 -13.69 -2.60
CA ASP A 152 -12.83 -14.81 -2.17
C ASP A 152 -12.62 -15.84 -3.28
N TYR A 153 -11.99 -15.40 -4.35
CA TYR A 153 -11.65 -16.30 -5.44
C TYR A 153 -10.15 -16.29 -5.66
N PHE A 154 -9.67 -17.30 -6.41
CA PHE A 154 -8.25 -17.46 -6.71
C PHE A 154 -8.04 -18.52 -7.77
N PRO A 155 -7.17 -18.28 -8.77
CA PRO A 155 -6.47 -17.03 -9.01
C PRO A 155 -7.32 -16.06 -9.84
N GLU A 156 -6.75 -14.93 -10.25
CA GLU A 156 -7.38 -14.07 -11.25
C GLU A 156 -7.50 -14.84 -12.56
N PRO A 157 -8.39 -14.41 -13.47
CA PRO A 157 -9.37 -13.34 -13.29
C PRO A 157 -10.81 -13.88 -13.22
N VAL A 158 -11.75 -13.03 -12.80
CA VAL A 158 -13.16 -13.28 -13.06
C VAL A 158 -13.60 -12.25 -14.10
N THR A 159 -14.59 -12.61 -14.90
CA THR A 159 -15.25 -11.65 -15.76
C THR A 159 -16.67 -11.44 -15.27
N VAL A 160 -17.19 -10.22 -15.46
CA VAL A 160 -18.55 -9.88 -15.07
C VAL A 160 -19.25 -9.20 -16.23
N SER A 161 -20.46 -9.65 -16.53
CA SER A 161 -21.39 -8.92 -17.38
C SER A 161 -22.73 -8.84 -16.67
N TRP A 162 -23.61 -8.00 -17.20
CA TRP A 162 -24.95 -7.81 -16.68
C TRP A 162 -25.95 -8.15 -17.76
N ASN A 163 -26.95 -8.96 -17.39
CA ASN A 163 -28.04 -9.35 -18.29
C ASN A 163 -27.48 -9.94 -19.60
N SER A 164 -26.47 -10.80 -19.44
CA SER A 164 -25.78 -11.45 -20.57
C SER A 164 -25.28 -10.42 -21.59
N GLY A 165 -24.87 -9.26 -21.11
CA GLY A 165 -24.28 -8.27 -21.99
C GLY A 165 -25.28 -7.35 -22.68
N ALA A 166 -26.58 -7.49 -22.43
CA ALA A 166 -27.54 -6.54 -22.93
C ALA A 166 -27.50 -5.22 -22.17
N LEU A 167 -26.96 -5.22 -20.96
CA LEU A 167 -26.84 -4.02 -20.15
C LEU A 167 -25.36 -3.66 -20.05
N THR A 168 -24.96 -2.55 -20.69
CA THR A 168 -23.56 -2.15 -20.64
C THR A 168 -23.42 -0.71 -20.18
N SER A 169 -24.37 0.14 -20.54
CA SER A 169 -24.33 1.50 -20.07
C SER A 169 -24.44 1.53 -18.55
N GLY A 170 -23.66 2.40 -17.93
CA GLY A 170 -23.71 2.56 -16.49
C GLY A 170 -23.02 1.49 -15.68
N VAL A 171 -22.31 0.54 -16.34
CA VAL A 171 -21.64 -0.55 -15.65
C VAL A 171 -20.25 -0.10 -15.22
N HIS A 172 -19.88 -0.41 -13.98
CA HIS A 172 -18.52 -0.18 -13.50
C HIS A 172 -18.07 -1.39 -12.69
N THR A 173 -17.19 -2.20 -13.28
CA THR A 173 -16.53 -3.32 -12.60
C THR A 173 -15.17 -2.84 -12.13
N PHE A 174 -14.96 -2.90 -10.82
CA PHE A 174 -13.80 -2.35 -10.14
C PHE A 174 -12.67 -3.37 -10.12
N PRO A 175 -11.43 -2.90 -10.20
CA PRO A 175 -10.30 -3.81 -10.02
C PRO A 175 -10.38 -4.55 -8.69
N ALA A 176 -9.94 -5.81 -8.73
CA ALA A 176 -10.02 -6.68 -7.57
C ALA A 176 -9.05 -6.25 -6.48
N VAL A 177 -9.40 -6.55 -5.24
CA VAL A 177 -8.48 -6.41 -4.12
C VAL A 177 -7.86 -7.77 -3.84
N LEU A 178 -6.53 -7.78 -3.69
CA LEU A 178 -5.82 -8.96 -3.21
C LEU A 178 -5.79 -8.85 -1.70
N GLN A 179 -6.49 -9.75 -1.04
CA GLN A 179 -6.63 -9.70 0.41
C GLN A 179 -5.44 -10.37 1.09
N SER A 180 -5.35 -10.18 2.41
CA SER A 180 -4.23 -10.75 3.14
C SER A 180 -4.32 -12.28 3.15
N SER A 181 -5.53 -12.82 3.01
CA SER A 181 -5.71 -14.25 2.87
C SER A 181 -5.03 -14.82 1.63
N GLY A 182 -4.62 -13.97 0.69
CA GLY A 182 -4.18 -14.42 -0.62
C GLY A 182 -5.29 -14.58 -1.64
N LEU A 183 -6.54 -14.33 -1.26
CA LEU A 183 -7.68 -14.43 -2.17
C LEU A 183 -8.06 -13.04 -2.67
N TYR A 184 -8.71 -13.03 -3.82
CA TYR A 184 -9.19 -11.82 -4.45
C TYR A 184 -10.66 -11.58 -4.17
N SER A 185 -11.06 -10.31 -4.25
CA SER A 185 -12.47 -9.92 -4.22
C SER A 185 -12.63 -8.70 -5.10
N LEU A 186 -13.77 -8.61 -5.79
CA LEU A 186 -14.09 -7.41 -6.54
C LEU A 186 -15.59 -7.18 -6.47
N SER A 187 -15.99 -6.00 -6.92
CA SER A 187 -17.39 -5.63 -7.01
C SER A 187 -17.63 -5.09 -8.40
N SER A 188 -18.84 -5.32 -8.90
CA SER A 188 -19.34 -4.68 -10.10
C SER A 188 -20.64 -3.99 -9.72
N VAL A 189 -20.80 -2.74 -10.14
CA VAL A 189 -21.97 -1.95 -9.80
C VAL A 189 -22.51 -1.34 -11.09
N VAL A 190 -23.83 -1.25 -11.19
CA VAL A 190 -24.46 -0.65 -12.36
C VAL A 190 -25.48 0.39 -11.87
N THR A 191 -25.57 1.50 -12.60
CA THR A 191 -26.53 2.56 -12.32
C THR A 191 -27.70 2.44 -13.27
N VAL A 192 -28.91 2.39 -12.72
CA VAL A 192 -30.11 2.11 -13.53
C VAL A 192 -31.18 3.14 -13.17
N PRO A 193 -32.14 3.35 -14.07
CA PRO A 193 -33.30 4.18 -13.72
C PRO A 193 -34.06 3.52 -12.58
N SER A 194 -34.36 4.31 -11.56
CA SER A 194 -35.09 3.76 -10.41
C SER A 194 -36.48 3.27 -10.80
N SER A 195 -37.08 3.87 -11.85
CA SER A 195 -38.37 3.41 -12.34
C SER A 195 -38.31 2.02 -12.94
N SER A 196 -37.12 1.56 -13.31
CA SER A 196 -36.94 0.21 -13.83
C SER A 196 -36.85 -0.85 -12.73
N LEU A 197 -36.64 -0.46 -11.48
CA LEU A 197 -36.54 -1.47 -10.43
C LEU A 197 -37.87 -2.16 -10.27
N GLY A 198 -37.81 -3.45 -9.94
CA GLY A 198 -39.05 -4.23 -9.83
C GLY A 198 -39.92 -4.17 -11.07
N THR A 199 -39.31 -4.24 -12.26
CA THR A 199 -39.99 -4.38 -13.54
C THR A 199 -38.97 -4.78 -14.60
N GLN A 200 -37.72 -4.42 -14.38
CA GLN A 200 -36.59 -4.88 -15.18
C GLN A 200 -35.72 -5.76 -14.29
N THR A 201 -35.48 -6.99 -14.74
CA THR A 201 -34.65 -7.93 -13.98
C THR A 201 -33.19 -7.58 -14.16
N TYR A 202 -32.42 -7.61 -13.07
CA TYR A 202 -30.99 -7.36 -13.12
C TYR A 202 -30.23 -8.59 -12.64
N ILE A 203 -29.35 -9.12 -13.49
CA ILE A 203 -28.59 -10.32 -13.20
C ILE A 203 -27.13 -10.05 -13.56
N CYS A 204 -26.23 -10.31 -12.63
CA CYS A 204 -24.80 -10.23 -12.93
C CYS A 204 -24.31 -11.62 -13.28
N ASN A 205 -23.59 -11.73 -14.39
CA ASN A 205 -23.07 -13.00 -14.85
C ASN A 205 -21.59 -13.02 -14.53
N VAL A 206 -21.22 -13.81 -13.54
CA VAL A 206 -19.86 -13.91 -13.05
C VAL A 206 -19.27 -15.22 -13.54
N ASN A 207 -18.10 -15.16 -14.14
CA ASN A 207 -17.43 -16.35 -14.64
C ASN A 207 -16.03 -16.36 -14.07
N HIS A 208 -15.63 -17.50 -13.50
CA HIS A 208 -14.27 -17.69 -12.96
C HIS A 208 -13.71 -18.98 -13.56
N LYS A 209 -13.21 -18.88 -14.79
CA LYS A 209 -12.74 -20.05 -15.51
C LYS A 209 -11.67 -20.87 -14.79
N PRO A 210 -10.75 -20.30 -13.98
CA PRO A 210 -9.80 -21.16 -13.26
C PRO A 210 -10.42 -22.21 -12.37
N SER A 211 -11.64 -22.00 -11.89
CA SER A 211 -12.34 -22.96 -11.04
C SER A 211 -13.58 -23.53 -11.70
N ASN A 212 -13.77 -23.29 -12.99
CA ASN A 212 -14.95 -23.77 -13.73
C ASN A 212 -16.24 -23.46 -12.99
N THR A 213 -16.35 -22.21 -12.53
CA THR A 213 -17.52 -21.71 -11.81
C THR A 213 -18.17 -20.60 -12.62
N LYS A 214 -19.48 -20.70 -12.81
CA LYS A 214 -20.27 -19.63 -13.41
C LYS A 214 -21.41 -19.34 -12.45
N VAL A 215 -21.66 -18.06 -12.18
CA VAL A 215 -22.74 -17.64 -11.30
C VAL A 215 -23.55 -16.56 -11.99
N ASP A 216 -24.86 -16.76 -12.04
CA ASP A 216 -25.83 -15.73 -12.42
C ASP A 216 -26.64 -15.39 -11.18
N LYS A 217 -26.42 -14.19 -10.64
CA LYS A 217 -27.12 -13.73 -9.44
C LYS A 217 -28.15 -12.68 -9.83
N ARG A 218 -29.43 -12.96 -9.55
CA ARG A 218 -30.44 -11.92 -9.61
C ARG A 218 -30.25 -10.97 -8.43
N VAL A 219 -30.23 -9.67 -8.72
CA VAL A 219 -30.05 -8.65 -7.69
C VAL A 219 -31.38 -7.93 -7.52
N GLU A 220 -32.00 -8.10 -6.38
CA GLU A 220 -33.35 -7.59 -6.25
C GLU A 220 -33.40 -6.41 -5.30
N PRO A 221 -34.37 -5.51 -5.47
CA PRO A 221 -34.50 -4.39 -4.53
C PRO A 221 -35.01 -4.88 -3.17
N LYS A 222 -34.46 -4.28 -2.11
CA LYS A 222 -34.66 -4.73 -0.74
C LYS A 222 -36.14 -4.75 -0.31
N SER B 1 8.81 6.39 17.12
CA SER B 1 7.90 6.10 16.03
C SER B 1 8.27 6.81 14.72
N ALA B 2 7.24 7.14 13.95
CA ALA B 2 7.41 7.57 12.58
C ALA B 2 7.38 9.09 12.45
N LEU B 3 8.10 9.59 11.44
CA LEU B 3 8.00 10.98 11.05
C LEU B 3 6.70 11.24 10.30
N ALA B 4 6.24 12.49 10.33
CA ALA B 4 4.95 12.86 9.76
C ALA B 4 5.16 13.54 8.41
N GLN B 5 4.66 12.91 7.34
CA GLN B 5 4.62 13.40 5.97
C GLN B 5 3.16 13.44 5.50
N PRO B 6 2.79 14.42 4.67
CA PRO B 6 1.48 14.36 4.02
C PRO B 6 1.38 13.08 3.18
N PRO B 7 0.23 12.39 3.21
CA PRO B 7 0.08 11.22 2.33
C PRO B 7 0.22 11.55 0.87
N SER B 8 -0.21 12.74 0.44
CA SER B 8 -0.08 13.10 -0.96
C SER B 8 0.08 14.61 -1.09
N VAL B 9 0.86 15.01 -2.09
CA VAL B 9 0.91 16.39 -2.56
C VAL B 9 0.76 16.32 -4.06
N SER B 10 0.33 17.43 -4.63
CA SER B 10 0.22 17.54 -6.07
C SER B 10 0.61 18.94 -6.50
N GLY B 11 1.11 19.03 -7.72
CA GLY B 11 1.51 20.31 -8.30
C GLY B 11 1.40 20.23 -9.81
N SER B 12 1.32 21.44 -10.43
CA SER B 12 1.23 21.51 -11.88
C SER B 12 2.61 21.46 -12.53
N PRO B 13 2.71 20.86 -13.72
CA PRO B 13 3.99 20.83 -14.43
C PRO B 13 4.55 22.23 -14.59
N GLY B 14 5.87 22.34 -14.46
CA GLY B 14 6.55 23.62 -14.43
C GLY B 14 6.65 24.26 -13.05
N GLN B 15 5.65 24.07 -12.19
CA GLN B 15 5.64 24.68 -10.86
C GLN B 15 6.59 23.94 -9.93
N SER B 16 6.64 24.37 -8.67
CA SER B 16 7.41 23.69 -7.64
C SER B 16 6.48 23.23 -6.53
N VAL B 17 6.85 22.12 -5.87
CA VAL B 17 6.12 21.58 -4.73
C VAL B 17 7.11 21.28 -3.63
N THR B 18 6.63 21.31 -2.38
CA THR B 18 7.45 21.02 -1.21
C THR B 18 6.82 19.88 -0.43
N ILE B 19 7.57 18.81 -0.23
CA ILE B 19 7.13 17.72 0.62
C ILE B 19 7.74 17.93 1.99
N THR B 20 6.91 17.98 3.02
CA THR B 20 7.40 18.23 4.37
C THR B 20 7.57 16.93 5.16
N CYS B 21 8.38 17.01 6.21
CA CYS B 21 8.70 15.87 7.06
C CYS B 21 8.88 16.40 8.48
N THR B 22 7.92 16.15 9.37
CA THR B 22 7.89 16.76 10.69
C THR B 22 8.11 15.71 11.77
N GLY B 23 8.64 16.16 12.91
CA GLY B 23 8.95 15.28 14.01
C GLY B 23 10.42 14.95 14.15
N ILE B 24 11.29 15.69 13.48
CA ILE B 24 12.70 15.31 13.44
C ILE B 24 13.34 15.38 14.82
N ASN B 25 12.89 16.29 15.68
CA ASN B 25 13.49 16.45 17.01
C ASN B 25 12.65 15.83 18.11
N ASP B 26 11.84 14.83 17.78
CA ASP B 26 11.07 14.19 18.84
C ASP B 26 11.92 13.28 19.71
N TYR B 27 13.13 12.93 19.29
CA TYR B 27 13.94 11.94 20.01
C TYR B 27 15.38 12.45 20.15
N GLY B 28 15.54 13.46 20.99
CA GLY B 28 16.84 13.95 21.39
C GLY B 28 17.22 15.23 20.67
N ALA B 29 18.38 15.75 21.10
CA ALA B 29 18.94 16.99 20.57
C ALA B 29 20.17 16.77 19.72
N ALA B 30 20.63 15.51 19.58
CA ALA B 30 21.74 15.22 18.70
C ALA B 30 21.45 15.72 17.30
N TYR B 31 22.50 16.11 16.58
CA TYR B 31 22.34 16.54 15.20
C TYR B 31 21.65 15.45 14.39
N LYS B 32 20.68 15.84 13.58
CA LYS B 32 19.91 14.90 12.77
C LYS B 32 20.36 14.96 11.32
N PHE B 33 20.74 13.80 10.77
CA PHE B 33 21.00 13.67 9.33
C PHE B 33 19.69 13.29 8.62
N VAL B 34 19.26 14.13 7.70
CA VAL B 34 17.99 13.96 7.00
C VAL B 34 18.29 13.47 5.59
N SER B 35 17.72 12.33 5.22
CA SER B 35 17.84 11.80 3.86
C SER B 35 16.45 11.69 3.23
N TRP B 36 16.43 11.76 1.90
CA TRP B 36 15.19 11.62 1.11
C TRP B 36 15.39 10.51 0.08
N TYR B 37 14.34 9.73 -0.14
CA TYR B 37 14.36 8.61 -1.08
C TYR B 37 13.19 8.75 -2.03
N GLN B 38 13.42 8.42 -3.29
CA GLN B 38 12.39 8.46 -4.32
C GLN B 38 12.11 7.04 -4.79
N GLN B 39 10.83 6.68 -4.90
CA GLN B 39 10.48 5.35 -5.36
C GLN B 39 9.37 5.45 -6.38
N HIS B 40 9.67 5.07 -7.61
CA HIS B 40 8.68 4.97 -8.67
C HIS B 40 7.87 3.70 -8.50
N PRO B 41 6.62 3.69 -8.96
CA PRO B 41 5.78 2.51 -8.77
C PRO B 41 6.41 1.28 -9.42
N GLY B 42 6.40 0.18 -8.69
CA GLY B 42 7.00 -1.04 -9.16
C GLY B 42 8.52 -1.10 -9.06
N LYS B 43 9.18 -0.05 -8.59
CA LYS B 43 10.64 0.01 -8.53
C LYS B 43 11.10 0.13 -7.07
N GLU B 44 12.43 -0.04 -6.87
CA GLU B 44 13.00 0.10 -5.54
C GLU B 44 13.33 1.56 -5.25
N PRO B 45 13.44 1.92 -3.97
CA PRO B 45 13.78 3.30 -3.63
C PRO B 45 15.18 3.67 -4.12
N ARG B 46 15.39 4.98 -4.24
CA ARG B 46 16.65 5.56 -4.67
C ARG B 46 16.98 6.72 -3.75
N LEU B 47 18.20 6.75 -3.21
CA LEU B 47 18.64 7.91 -2.45
C LEU B 47 18.73 9.14 -3.35
N ILE B 48 18.05 10.22 -2.95
CA ILE B 48 18.05 11.49 -3.66
C ILE B 48 19.03 12.47 -3.05
N MET B 49 19.02 12.57 -1.72
CA MET B 49 19.37 13.79 -1.02
C MET B 49 19.80 13.41 0.38
N LYS B 50 20.88 14.03 0.86
CA LYS B 50 21.39 13.78 2.20
C LYS B 50 21.58 15.11 2.93
N ASN B 51 21.67 15.03 4.26
CA ASN B 51 22.04 16.18 5.11
C ASN B 51 21.14 17.39 4.79
N VAL B 52 19.84 17.13 4.72
CA VAL B 52 18.79 18.10 4.41
C VAL B 52 18.87 18.58 2.96
N LYS B 53 20.01 19.17 2.56
CA LYS B 53 20.06 19.88 1.29
C LYS B 53 21.17 19.46 0.33
N ASP B 54 21.95 18.42 0.65
CA ASP B 54 23.07 17.99 -0.19
C ASP B 54 22.57 16.95 -1.20
N ARG B 55 22.49 17.35 -2.49
CA ARG B 55 22.01 16.46 -3.53
C ARG B 55 22.90 15.23 -3.69
N TRP B 56 22.29 14.10 -4.05
CA TRP B 56 22.99 12.84 -4.20
C TRP B 56 23.08 12.45 -5.67
N SER B 57 24.29 12.06 -6.11
CA SER B 57 24.65 11.75 -7.50
C SER B 57 23.96 12.64 -8.53
N VAL B 58 23.26 12.04 -9.49
CA VAL B 58 22.68 12.79 -10.60
C VAL B 58 21.26 13.24 -10.29
N THR B 59 21.03 13.63 -9.04
CA THR B 59 19.81 14.34 -8.66
C THR B 59 19.92 15.78 -9.16
N PRO B 60 19.01 16.23 -10.05
CA PRO B 60 19.18 17.54 -10.69
C PRO B 60 19.13 18.70 -9.70
N ASN B 61 19.52 19.88 -10.18
CA ASN B 61 19.38 21.09 -9.39
C ASN B 61 17.92 21.35 -9.00
N ARG B 62 16.99 20.58 -9.57
CA ARG B 62 15.57 20.75 -9.28
C ARG B 62 15.19 20.27 -7.89
N PHE B 63 15.95 19.35 -7.31
CA PHE B 63 15.65 18.81 -5.98
C PHE B 63 16.50 19.54 -4.96
N SER B 64 15.86 20.32 -4.09
CA SER B 64 16.57 20.96 -3.00
C SER B 64 15.84 20.73 -1.68
N GLY B 65 16.60 20.71 -0.60
CA GLY B 65 16.07 20.55 0.73
C GLY B 65 16.38 21.75 1.60
N SER B 66 15.46 22.03 2.53
CA SER B 66 15.69 23.00 3.60
C SER B 66 15.20 22.37 4.90
N THR B 67 15.24 23.14 5.98
CA THR B 67 15.02 22.55 7.29
C THR B 67 14.69 23.64 8.30
N SER B 68 13.76 23.33 9.20
CA SER B 68 13.33 24.21 10.28
C SER B 68 13.48 23.52 11.62
N GLY B 69 14.58 22.80 11.82
CA GLY B 69 14.79 22.09 13.06
C GLY B 69 13.88 20.88 13.25
N ASN B 70 12.56 21.10 13.34
CA ASN B 70 11.62 20.00 13.52
C ASN B 70 10.98 19.53 12.21
N THR B 71 11.01 20.36 11.17
CA THR B 71 10.45 20.02 9.87
C THR B 71 11.52 20.18 8.80
N ALA B 72 11.84 19.09 8.11
CA ALA B 72 12.66 19.16 6.92
C ALA B 72 11.75 19.17 5.69
N SER B 73 12.25 19.81 4.63
CA SER B 73 11.50 19.99 3.40
C SER B 73 12.33 19.53 2.22
N LEU B 74 11.65 18.94 1.24
CA LEU B 74 12.21 18.63 -0.07
C LEU B 74 11.41 19.44 -1.07
N THR B 75 12.08 20.33 -1.81
CA THR B 75 11.43 21.16 -2.82
C THR B 75 11.88 20.73 -4.21
N ILE B 76 10.91 20.40 -5.07
CA ILE B 76 11.13 19.97 -6.44
C ILE B 76 10.60 21.06 -7.35
N SER B 77 11.49 21.68 -8.12
CA SER B 77 11.11 22.71 -9.08
C SER B 77 11.07 22.16 -10.51
N ASN B 78 10.54 22.97 -11.41
CA ASN B 78 10.22 22.58 -12.79
C ASN B 78 9.60 21.19 -12.83
N LEU B 79 8.50 21.04 -12.09
CA LEU B 79 7.88 19.74 -11.92
C LEU B 79 7.57 19.11 -13.29
N GLN B 80 7.84 17.82 -13.42
CA GLN B 80 7.61 17.14 -14.69
C GLN B 80 7.19 15.70 -14.39
N SER B 81 6.75 15.02 -15.45
CA SER B 81 6.07 13.74 -15.27
C SER B 81 6.95 12.69 -14.59
N ASP B 82 8.26 12.70 -14.84
CA ASP B 82 9.14 11.76 -14.16
C ASP B 82 9.15 11.94 -12.63
N ASP B 83 8.74 13.11 -12.13
CA ASP B 83 8.75 13.31 -10.69
C ASP B 83 7.64 12.56 -9.97
N GLU B 84 6.67 12.01 -10.69
CA GLU B 84 5.60 11.22 -10.05
C GLU B 84 6.18 9.98 -9.40
N ALA B 85 6.08 9.90 -8.08
CA ALA B 85 6.77 8.86 -7.33
C ALA B 85 6.33 8.99 -5.87
N GLN B 86 6.74 8.02 -5.07
CA GLN B 86 6.63 8.14 -3.62
C GLN B 86 7.95 8.67 -3.06
N TYR B 87 7.85 9.55 -2.07
CA TYR B 87 9.01 10.16 -1.43
C TYR B 87 8.98 9.86 0.07
N PHE B 88 10.12 9.39 0.58
CA PHE B 88 10.29 9.01 1.99
C PHE B 88 11.40 9.85 2.58
N CYS B 89 11.15 10.47 3.72
CA CYS B 89 12.25 11.09 4.45
C CYS B 89 12.76 10.11 5.50
N ALA B 90 14.00 10.31 5.90
CA ALA B 90 14.60 9.48 6.94
C ALA B 90 15.52 10.34 7.78
N VAL B 91 15.58 10.05 9.07
CA VAL B 91 16.39 10.81 10.01
C VAL B 91 17.27 9.83 10.74
N TYR B 92 18.58 10.05 10.68
CA TYR B 92 19.53 9.29 11.46
C TYR B 92 20.35 10.22 12.35
N ALA B 93 20.71 9.73 13.54
CA ALA B 93 21.63 10.39 14.45
C ALA B 93 22.44 9.32 15.17
N GLY B 94 23.55 9.75 15.78
CA GLY B 94 24.32 8.83 16.60
C GLY B 94 23.50 8.23 17.72
N GLY B 95 23.48 6.90 17.84
CA GLY B 95 22.68 6.22 18.84
C GLY B 95 21.44 5.54 18.31
N PHE B 96 20.90 5.98 17.17
CA PHE B 96 19.79 5.25 16.55
C PHE B 96 20.26 3.86 16.16
N THR B 97 19.39 2.87 16.34
CA THR B 97 19.65 1.58 15.72
C THR B 97 19.18 1.57 14.27
N PHE B 98 17.92 1.92 14.04
CA PHE B 98 17.42 2.16 12.69
C PHE B 98 17.21 3.65 12.47
N PRO B 99 17.44 4.16 11.26
CA PRO B 99 16.92 5.50 10.96
C PRO B 99 15.42 5.51 11.17
N ARG B 100 14.89 6.69 11.56
CA ARG B 100 13.44 6.89 11.58
C ARG B 100 12.97 7.17 10.16
N LEU B 101 11.89 6.52 9.76
CA LEU B 101 11.31 6.70 8.43
C LEU B 101 10.01 7.47 8.51
N GLY B 102 9.78 8.37 7.54
CA GLY B 102 8.47 8.95 7.38
C GLY B 102 7.55 7.98 6.67
N GLY B 103 6.28 8.33 6.63
CA GLY B 103 5.33 7.37 6.08
C GLY B 103 5.22 7.35 4.57
N GLY B 104 5.85 8.32 3.90
CA GLY B 104 5.77 8.39 2.46
C GLY B 104 4.76 9.42 1.96
N THR B 105 5.13 10.14 0.92
CA THR B 105 4.23 11.06 0.25
C THR B 105 4.11 10.63 -1.21
N LYS B 106 2.88 10.41 -1.68
CA LYS B 106 2.66 10.23 -3.11
C LYS B 106 2.66 11.59 -3.78
N LEU B 107 3.57 11.81 -4.74
CA LEU B 107 3.62 13.05 -5.49
C LEU B 107 2.95 12.88 -6.84
N SER B 108 1.92 13.69 -7.10
CA SER B 108 1.20 13.68 -8.36
C SER B 108 1.50 14.95 -9.16
N VAL B 109 1.81 14.77 -10.45
CA VAL B 109 1.96 15.88 -11.38
C VAL B 109 0.64 15.99 -12.15
N LEU B 110 -0.11 17.06 -11.89
CA LEU B 110 -1.44 17.21 -12.46
C LEU B 110 -1.35 17.38 -13.97
N SER B 111 -1.91 16.43 -14.71
CA SER B 111 -2.07 16.58 -16.15
C SER B 111 -3.52 16.86 -16.53
N GLN B 112 -4.39 17.05 -15.54
CA GLN B 112 -5.77 17.46 -15.77
C GLN B 112 -6.28 18.06 -14.48
N PRO B 113 -7.44 18.71 -14.49
CA PRO B 113 -7.95 19.30 -13.26
C PRO B 113 -8.31 18.25 -12.23
N LYS B 114 -8.22 18.65 -10.96
CA LYS B 114 -8.58 17.79 -9.85
C LYS B 114 -10.06 17.42 -9.93
N ALA B 115 -10.39 16.19 -9.52
CA ALA B 115 -11.76 15.70 -9.51
C ALA B 115 -12.02 15.01 -8.19
N ALA B 116 -13.10 15.40 -7.53
CA ALA B 116 -13.43 14.81 -6.24
C ALA B 116 -14.03 13.41 -6.41
N PRO B 117 -13.81 12.52 -5.44
CA PRO B 117 -14.31 11.15 -5.59
C PRO B 117 -15.81 11.06 -5.34
N SER B 118 -16.46 10.21 -6.10
CA SER B 118 -17.79 9.73 -5.77
C SER B 118 -17.64 8.43 -4.95
N VAL B 119 -18.45 8.31 -3.89
CA VAL B 119 -18.30 7.23 -2.92
C VAL B 119 -19.64 6.54 -2.72
N THR B 120 -19.66 5.22 -2.88
CA THR B 120 -20.81 4.38 -2.59
C THR B 120 -20.43 3.32 -1.57
N LEU B 121 -21.24 3.20 -0.52
CA LEU B 121 -20.97 2.26 0.56
C LEU B 121 -22.14 1.28 0.67
N PHE B 122 -21.87 -0.02 0.53
CA PHE B 122 -22.91 -1.02 0.64
C PHE B 122 -22.81 -1.76 1.96
N PRO B 123 -23.92 -1.96 2.67
CA PRO B 123 -23.91 -2.81 3.87
C PRO B 123 -23.76 -4.28 3.52
N PRO B 124 -23.45 -5.14 4.49
CA PRO B 124 -23.47 -6.59 4.23
C PRO B 124 -24.85 -7.02 3.75
N SER B 125 -24.87 -7.96 2.80
CA SER B 125 -26.13 -8.51 2.36
C SER B 125 -26.60 -9.59 3.33
N SER B 126 -27.93 -9.75 3.43
CA SER B 126 -28.47 -10.77 4.31
C SER B 126 -28.06 -12.16 3.84
N GLU B 127 -27.85 -12.34 2.54
CA GLU B 127 -27.34 -13.60 2.03
C GLU B 127 -25.96 -13.90 2.60
N GLU B 128 -25.06 -12.90 2.60
CA GLU B 128 -23.73 -13.12 3.16
C GLU B 128 -23.81 -13.31 4.66
N LEU B 129 -24.65 -12.52 5.34
CA LEU B 129 -24.82 -12.70 6.78
C LEU B 129 -25.27 -14.12 7.10
N GLN B 130 -26.17 -14.65 6.28
CA GLN B 130 -26.64 -16.02 6.46
C GLN B 130 -25.49 -17.03 6.36
N ALA B 131 -24.43 -16.66 5.62
CA ALA B 131 -23.22 -17.47 5.56
C ALA B 131 -22.24 -17.13 6.68
N ASN B 132 -22.71 -16.49 7.75
CA ASN B 132 -21.86 -16.12 8.89
C ASN B 132 -20.64 -15.30 8.45
N LYS B 133 -20.86 -14.33 7.57
CA LYS B 133 -19.82 -13.42 7.14
C LYS B 133 -20.46 -12.06 6.94
N ALA B 134 -19.64 -11.00 6.97
CA ALA B 134 -20.13 -9.65 6.73
C ALA B 134 -19.04 -8.83 6.06
N THR B 135 -19.35 -8.25 4.91
CA THR B 135 -18.42 -7.39 4.19
C THR B 135 -19.10 -6.06 3.90
N LEU B 136 -18.47 -4.97 4.36
CA LEU B 136 -18.83 -3.61 3.96
C LEU B 136 -18.00 -3.23 2.73
N VAL B 137 -18.66 -2.63 1.73
CA VAL B 137 -18.07 -2.39 0.43
C VAL B 137 -18.12 -0.91 0.15
N CYS B 138 -16.96 -0.29 0.03
CA CYS B 138 -16.82 1.14 -0.20
C CYS B 138 -16.17 1.35 -1.56
N LEU B 139 -16.94 1.85 -2.52
CA LEU B 139 -16.49 1.99 -3.89
C LEU B 139 -16.24 3.45 -4.21
N ILE B 140 -15.06 3.76 -4.73
CA ILE B 140 -14.54 5.12 -4.85
C ILE B 140 -14.20 5.35 -6.31
N SER B 141 -14.77 6.38 -6.92
CA SER B 141 -14.57 6.50 -8.35
C SER B 141 -14.48 7.95 -8.79
N ASP B 142 -13.95 8.12 -10.01
CA ASP B 142 -13.94 9.40 -10.72
C ASP B 142 -13.11 10.47 -10.01
N PHE B 143 -12.00 10.10 -9.40
CA PHE B 143 -11.17 11.11 -8.76
C PHE B 143 -9.86 11.32 -9.52
N TYR B 144 -9.28 12.48 -9.30
CA TYR B 144 -7.99 12.83 -9.86
C TYR B 144 -7.35 13.89 -8.99
N PRO B 145 -6.05 13.77 -8.64
CA PRO B 145 -5.12 12.69 -9.03
C PRO B 145 -5.39 11.37 -8.32
N GLY B 146 -4.66 10.33 -8.69
CA GLY B 146 -4.92 9.00 -8.18
C GLY B 146 -4.29 8.72 -6.83
N ALA B 147 -4.73 9.44 -5.80
CA ALA B 147 -4.23 9.25 -4.44
C ALA B 147 -5.38 9.49 -3.47
N VAL B 148 -5.75 8.47 -2.70
CA VAL B 148 -6.74 8.60 -1.64
C VAL B 148 -6.24 7.90 -0.38
N THR B 149 -6.76 8.38 0.74
CA THR B 149 -6.64 7.73 2.05
C THR B 149 -8.04 7.26 2.45
N VAL B 150 -8.16 6.01 2.87
CA VAL B 150 -9.43 5.45 3.30
C VAL B 150 -9.33 5.05 4.76
N ALA B 151 -10.21 5.58 5.59
CA ALA B 151 -10.32 5.19 6.98
C ALA B 151 -11.74 4.70 7.24
N TRP B 152 -11.86 3.72 8.13
CA TRP B 152 -13.14 3.17 8.55
C TRP B 152 -13.35 3.47 10.03
N LYS B 153 -14.61 3.70 10.40
CA LYS B 153 -14.99 3.85 11.79
C LYS B 153 -16.09 2.87 12.14
N ALA B 154 -16.05 2.36 13.36
CA ALA B 154 -17.18 1.69 13.98
C ALA B 154 -17.75 2.65 15.01
N ASP B 155 -19.04 2.97 14.87
CA ASP B 155 -19.60 4.13 15.53
C ASP B 155 -18.67 5.30 15.24
N SER B 156 -17.90 5.73 16.24
CA SER B 156 -17.02 6.88 16.09
C SER B 156 -15.55 6.54 16.31
N SER B 157 -15.23 5.30 16.55
CA SER B 157 -13.83 4.99 16.82
C SER B 157 -13.18 4.29 15.63
N PRO B 158 -11.91 4.58 15.34
CA PRO B 158 -11.28 4.03 14.13
C PRO B 158 -11.13 2.52 14.19
N VAL B 159 -11.24 1.88 13.02
CA VAL B 159 -11.04 0.45 12.85
C VAL B 159 -9.87 0.24 11.90
N LYS B 160 -8.94 -0.63 12.28
CA LYS B 160 -7.84 -0.99 11.38
C LYS B 160 -7.86 -2.44 10.94
N ALA B 161 -8.31 -3.36 11.79
CA ALA B 161 -8.33 -4.76 11.40
C ALA B 161 -9.45 -5.02 10.40
N GLY B 162 -9.20 -5.95 9.48
CA GLY B 162 -10.20 -6.37 8.54
C GLY B 162 -10.39 -5.46 7.35
N VAL B 163 -9.51 -4.47 7.15
CA VAL B 163 -9.63 -3.51 6.07
C VAL B 163 -8.73 -3.95 4.93
N GLU B 164 -9.29 -4.00 3.70
CA GLU B 164 -8.50 -4.25 2.50
C GLU B 164 -8.81 -3.18 1.47
N THR B 165 -7.79 -2.42 1.04
CA THR B 165 -7.97 -1.27 0.16
C THR B 165 -7.06 -1.39 -1.05
N THR B 166 -7.61 -1.19 -2.25
CA THR B 166 -6.82 -1.27 -3.47
C THR B 166 -5.97 -0.02 -3.67
N THR B 167 -4.89 -0.18 -4.43
CA THR B 167 -4.20 0.97 -4.98
C THR B 167 -5.07 1.55 -6.09
N PRO B 168 -5.18 2.88 -6.19
CA PRO B 168 -6.01 3.44 -7.26
C PRO B 168 -5.50 3.03 -8.63
N SER B 169 -6.42 2.85 -9.57
CA SER B 169 -6.06 2.48 -10.92
C SER B 169 -6.89 3.30 -11.89
N LYS B 170 -6.29 3.60 -13.04
CA LYS B 170 -6.89 4.53 -13.99
C LYS B 170 -8.12 3.91 -14.62
N GLN B 171 -9.20 4.68 -14.66
CA GLN B 171 -10.41 4.33 -15.40
C GLN B 171 -10.25 4.69 -16.87
N SER B 172 -11.24 4.29 -17.69
CA SER B 172 -11.20 4.63 -19.10
C SER B 172 -11.44 6.12 -19.35
N ASN B 173 -12.08 6.83 -18.42
CA ASN B 173 -12.29 8.26 -18.55
C ASN B 173 -11.11 9.08 -18.04
N ASN B 174 -10.01 8.43 -17.67
CA ASN B 174 -8.75 9.01 -17.23
C ASN B 174 -8.78 9.50 -15.78
N LYS B 175 -9.88 9.32 -15.05
CA LYS B 175 -9.83 9.49 -13.62
C LYS B 175 -9.58 8.12 -13.00
N TYR B 176 -9.58 8.03 -11.66
CA TYR B 176 -9.15 6.82 -10.97
C TYR B 176 -10.30 6.18 -10.19
N ALA B 177 -10.08 4.92 -9.83
CA ALA B 177 -11.04 4.14 -9.05
C ALA B 177 -10.30 3.41 -7.93
N ALA B 178 -11.00 3.16 -6.84
CA ALA B 178 -10.45 2.35 -5.77
C ALA B 178 -11.59 1.73 -5.00
N SER B 179 -11.28 0.64 -4.30
CA SER B 179 -12.23 -0.10 -3.48
C SER B 179 -11.61 -0.32 -2.12
N SER B 180 -12.44 -0.26 -1.07
CA SER B 180 -12.02 -0.65 0.25
C SER B 180 -13.08 -1.56 0.85
N TYR B 181 -12.64 -2.66 1.45
CA TYR B 181 -13.53 -3.65 2.01
C TYR B 181 -13.23 -3.75 3.51
N LEU B 182 -14.28 -3.76 4.31
CA LEU B 182 -14.14 -4.03 5.75
C LEU B 182 -14.84 -5.35 6.03
N SER B 183 -14.05 -6.36 6.42
CA SER B 183 -14.58 -7.66 6.80
C SER B 183 -14.87 -7.67 8.30
N LEU B 184 -16.08 -8.08 8.64
CA LEU B 184 -16.53 -8.16 10.02
C LEU B 184 -17.17 -9.52 10.26
N THR B 185 -17.31 -9.86 11.55
CA THR B 185 -18.26 -10.90 11.88
C THR B 185 -19.67 -10.31 11.92
N PRO B 186 -20.69 -11.12 11.65
CA PRO B 186 -22.07 -10.64 11.80
C PRO B 186 -22.36 -10.06 13.18
N GLU B 187 -21.74 -10.61 14.22
CA GLU B 187 -21.95 -10.08 15.57
C GLU B 187 -21.39 -8.68 15.71
N GLN B 188 -20.23 -8.42 15.08
CA GLN B 188 -19.64 -7.08 15.09
C GLN B 188 -20.54 -6.09 14.36
N TRP B 189 -21.02 -6.48 13.17
CA TRP B 189 -21.91 -5.62 12.40
C TRP B 189 -23.15 -5.24 13.21
N LYS B 190 -23.91 -6.24 13.67
CA LYS B 190 -25.17 -5.97 14.37
C LYS B 190 -24.95 -5.27 15.72
N SER B 191 -23.80 -5.47 16.37
CA SER B 191 -23.61 -4.97 17.71
C SER B 191 -23.23 -3.49 17.76
N HIS B 192 -22.96 -2.87 16.61
CA HIS B 192 -22.62 -1.46 16.55
C HIS B 192 -23.79 -0.68 16.00
N ARG B 193 -23.75 0.63 16.23
CA ARG B 193 -24.79 1.53 15.77
C ARG B 193 -24.64 1.88 14.29
N SER B 194 -23.40 1.97 13.83
CA SER B 194 -23.13 2.29 12.44
C SER B 194 -21.67 1.98 12.15
N TYR B 195 -21.37 1.89 10.85
CA TYR B 195 -20.01 1.83 10.36
C TYR B 195 -19.85 2.92 9.30
N SER B 196 -18.64 3.43 9.16
CA SER B 196 -18.45 4.56 8.25
C SER B 196 -17.21 4.33 7.41
N CYS B 197 -17.31 4.69 6.14
CA CYS B 197 -16.18 4.72 5.23
C CYS B 197 -15.85 6.17 4.96
N GLN B 198 -14.62 6.57 5.24
CA GLN B 198 -14.16 7.94 5.10
C GLN B 198 -13.07 8.01 4.05
N VAL B 199 -13.23 8.89 3.05
CA VAL B 199 -12.33 8.97 1.91
C VAL B 199 -11.72 10.36 1.85
N THR B 200 -10.41 10.46 2.04
CA THR B 200 -9.71 11.73 1.98
C THR B 200 -8.98 11.88 0.65
N HIS B 201 -9.11 13.07 0.04
CA HIS B 201 -8.59 13.29 -1.31
C HIS B 201 -8.24 14.76 -1.47
N GLU B 202 -6.95 15.07 -1.59
CA GLU B 202 -6.48 16.45 -1.70
C GLU B 202 -7.02 17.31 -0.56
N GLY B 203 -6.90 16.79 0.65
CA GLY B 203 -7.27 17.54 1.84
C GLY B 203 -8.77 17.68 2.10
N SER B 204 -9.62 17.02 1.31
CA SER B 204 -11.07 17.03 1.48
C SER B 204 -11.55 15.62 1.78
N THR B 205 -12.69 15.50 2.46
CA THR B 205 -13.17 14.21 2.92
C THR B 205 -14.63 13.98 2.54
N VAL B 206 -14.93 12.77 2.07
CA VAL B 206 -16.28 12.28 1.90
C VAL B 206 -16.49 11.12 2.86
N GLU B 207 -17.60 11.14 3.62
CA GLU B 207 -17.90 10.07 4.56
C GLU B 207 -19.30 9.51 4.30
N LYS B 208 -19.38 8.20 4.16
CA LYS B 208 -20.64 7.49 4.00
C LYS B 208 -20.81 6.53 5.16
N THR B 209 -22.03 6.48 5.70
CA THR B 209 -22.33 5.71 6.89
C THR B 209 -23.49 4.75 6.62
N VAL B 210 -23.40 3.53 7.16
CA VAL B 210 -24.48 2.54 7.08
C VAL B 210 -24.71 1.95 8.46
N ALA B 211 -25.94 1.49 8.70
CA ALA B 211 -26.36 0.97 9.99
C ALA B 211 -27.14 -0.32 9.79
N PRO B 212 -26.96 -1.31 10.67
CA PRO B 212 -27.67 -2.59 10.52
C PRO B 212 -29.18 -2.40 10.53
N THR B 213 -29.83 -2.84 9.44
CA THR B 213 -31.25 -2.57 9.24
C THR B 213 -31.84 -3.46 8.14
#